data_7U0S
#
_entry.id   7U0S
#
_cell.length_a   89.810
_cell.length_b   91.470
_cell.length_c   35.530
_cell.angle_alpha   90.000
_cell.angle_beta   90.000
_cell.angle_gamma   90.000
#
_symmetry.space_group_name_H-M   'P 21 21 2'
#
loop_
_entity.id
_entity.type
_entity.pdbx_description
1 polymer 'FK506-binding protein 1A'
2 non-polymer (3S,4R,5S,8R,9E,12S,14S,15R,16S,18R,19R,22R,26aS)-8-ethyl-5,19-dihydroxy-3-{(1E)-1-[(1R,3R,4R)-4-hydroxy-3-methoxycyclohexyl]prop-1-en-2-yl}-14,16-dimethoxy-4,10,12,18-tetramethyl-5,6,8,11,12,13,14,15,16,17,18,19,24,25,26,26a-hexadecahydro-3H-15,19-epoxypyrido[2,1-c][1,4]oxazacyclotricosine-1,7,20,21(4H,23H)-tetrone
3 non-polymer 'SULFATE ION'
4 non-polymer 'TETRAETHYLENE GLYCOL'
5 non-polymer 'HEXAETHYLENE GLYCOL'
6 non-polymer 'ACETATE ION'
7 non-polymer 'PENTAETHYLENE GLYCOL'
8 water water
#
_entity_poly.entity_id   1
_entity_poly.type   'polypeptide(L)'
_entity_poly.pdbx_seq_one_letter_code
;MSGSHHHHHHHHGGENLYFQGSGLNDIFEAQKIEWHEGSSGSSGVTKELKSPGNGVDFPKKGDFVTIHYTGRLTDGSKFD
SSVDRNEPFQTQIGTGRVIKGWDEGVPQMSLGEKAVLTITPDYGYGARGFPGVIPGNSTLIFEVELLGINNKRA
;
_entity_poly.pdbx_strand_id   A,B
#
loop_
_chem_comp.id
_chem_comp.type
_chem_comp.name
_chem_comp.formula
1PE non-polymer 'PENTAETHYLENE GLYCOL' 'C10 H22 O6'
ACT non-polymer 'ACETATE ION' 'C2 H3 O2 -1'
KXX non-polymer (3S,4R,5S,8R,9E,12S,14S,15R,16S,18R,19R,22R,26aS)-8-ethyl-5,19-dihydroxy-3-{(1E)-1-[(1R,3R,4R)-4-hydroxy-3-methoxycyclohexyl]prop-1-en-2-yl}-14,16-dimethoxy-4,10,12,18-tetramethyl-5,6,8,11,12,13,14,15,16,17,18,19,24,25,26,26a-hexadecahydro-3H-15,19-epoxypyrido[2,1-c][1,4]oxazacyclotricosine-1,7,20,21(4H,23H)-tetrone 'C43 H69 N O12'
P6G non-polymer 'HEXAETHYLENE GLYCOL' 'C12 H26 O7'
PG4 non-polymer 'TETRAETHYLENE GLYCOL' 'C8 H18 O5'
SO4 non-polymer 'SULFATE ION' 'O4 S -2'
#
# COMPACT_ATOMS: atom_id res chain seq x y z
N PHE A 28 4.42 29.98 17.34
CA PHE A 28 3.09 29.80 16.79
C PHE A 28 2.32 28.70 17.51
N GLU A 29 1.06 28.97 17.84
CA GLU A 29 0.20 28.01 18.50
C GLU A 29 -1.15 27.99 17.78
N ALA A 30 -1.79 26.81 17.78
CA ALA A 30 -3.12 26.68 17.19
C ALA A 30 -3.69 25.31 17.53
N GLN A 31 -5.02 25.23 17.56
CA GLN A 31 -5.74 23.96 17.67
C GLN A 31 -6.71 23.89 16.50
N LYS A 32 -6.55 22.88 15.64
CA LYS A 32 -7.48 22.70 14.52
C LYS A 32 -8.59 21.80 15.03
N ILE A 33 -9.63 22.43 15.60
CA ILE A 33 -10.66 21.68 16.31
C ILE A 33 -11.55 20.93 15.32
N GLU A 34 -11.84 21.55 14.18
CA GLU A 34 -12.47 20.88 13.05
C GLU A 34 -11.71 21.24 11.79
N TRP A 35 -11.49 20.25 10.93
CA TRP A 35 -10.80 20.51 9.68
C TRP A 35 -11.41 19.61 8.63
N HIS A 36 -11.71 20.16 7.46
CA HIS A 36 -12.26 19.35 6.39
C HIS A 36 -11.58 19.74 5.09
N GLU A 37 -11.32 18.76 4.24
CA GLU A 37 -10.85 19.02 2.88
C GLU A 37 -11.67 18.19 1.92
N GLY A 38 -12.17 18.84 0.87
CA GLY A 38 -12.90 18.17 -0.19
C GLY A 38 -12.64 18.82 -1.53
N SER A 42 -20.52 15.34 0.13
CA SER A 42 -19.27 15.60 -0.58
C SER A 42 -18.13 14.70 -0.10
N SER A 43 -17.31 14.24 -1.05
CA SER A 43 -16.16 13.42 -0.74
C SER A 43 -15.13 14.22 0.06
N GLY A 44 -14.16 13.50 0.60
CA GLY A 44 -13.05 14.16 1.25
C GLY A 44 -12.67 13.54 2.57
N VAL A 45 -12.08 14.36 3.44
CA VAL A 45 -11.61 13.91 4.75
C VAL A 45 -11.99 14.97 5.77
N THR A 46 -12.47 14.53 6.92
CA THR A 46 -12.76 15.41 8.04
C THR A 46 -11.92 14.94 9.23
N LYS A 47 -11.27 15.89 9.90
CA LYS A 47 -10.58 15.63 11.16
C LYS A 47 -11.31 16.37 12.27
N GLU A 48 -11.73 15.65 13.29
CA GLU A 48 -12.36 16.24 14.47
C GLU A 48 -11.45 16.03 15.69
N LEU A 49 -11.00 17.12 16.30
CA LEU A 49 -10.17 17.00 17.48
C LEU A 49 -10.98 16.44 18.64
N LYS A 50 -10.44 15.43 19.32
CA LYS A 50 -11.07 14.90 20.52
C LYS A 50 -10.38 15.37 21.79
N SER A 51 -9.05 15.29 21.82
CA SER A 51 -8.25 15.74 22.94
C SER A 51 -7.07 16.52 22.39
N PRO A 52 -6.73 17.66 22.98
CA PRO A 52 -5.72 18.54 22.36
C PRO A 52 -4.31 17.99 22.53
N GLY A 53 -3.48 18.28 21.53
CA GLY A 53 -2.04 18.13 21.64
C GLY A 53 -1.43 19.43 22.15
N ASN A 54 -0.11 19.57 21.95
CA ASN A 54 0.53 20.76 22.53
C ASN A 54 0.29 22.03 21.72
N GLY A 55 -0.36 21.91 20.56
CA GLY A 55 -0.70 23.07 19.76
C GLY A 55 0.45 23.77 19.10
N VAL A 56 1.65 23.20 19.15
CA VAL A 56 2.84 23.89 18.68
C VAL A 56 3.58 23.05 17.63
N ASP A 57 3.65 21.75 17.85
CA ASP A 57 4.40 20.85 16.98
C ASP A 57 3.45 20.15 16.01
N PHE A 58 3.53 20.50 14.73
CA PHE A 58 2.72 19.85 13.71
C PHE A 58 3.60 19.11 12.71
N PRO A 59 3.17 17.93 12.24
CA PRO A 59 3.94 17.22 11.21
C PRO A 59 3.96 18.01 9.91
N LYS A 60 5.12 18.05 9.27
CA LYS A 60 5.30 18.62 7.95
C LYS A 60 5.62 17.50 6.97
N LYS A 61 5.50 17.79 5.68
CA LYS A 61 5.81 16.78 4.67
C LYS A 61 7.22 16.23 4.87
N GLY A 62 7.34 14.90 4.84
CA GLY A 62 8.62 14.26 5.05
C GLY A 62 8.92 13.87 6.49
N ASP A 63 8.20 14.44 7.45
CA ASP A 63 8.38 14.05 8.85
C ASP A 63 7.94 12.60 9.05
N PHE A 64 8.62 11.93 9.98
CA PHE A 64 8.20 10.60 10.42
C PHE A 64 7.28 10.76 11.61
N VAL A 65 6.11 10.14 11.54
CA VAL A 65 5.13 10.25 12.62
C VAL A 65 4.95 8.89 13.26
N THR A 66 4.66 8.90 14.56
CA THR A 66 4.32 7.71 15.32
C THR A 66 2.88 7.89 15.81
N ILE A 67 2.00 6.95 15.48
CA ILE A 67 0.57 7.08 15.69
C ILE A 67 -0.01 5.77 16.22
N HIS A 68 -0.91 5.87 17.19
CA HIS A 68 -1.76 4.74 17.57
C HIS A 68 -3.13 4.97 16.94
N TYR A 69 -3.69 3.93 16.31
CA TYR A 69 -4.97 4.11 15.63
C TYR A 69 -5.87 2.91 15.83
N THR A 70 -7.17 3.15 15.64
CA THR A 70 -8.17 2.12 15.46
C THR A 70 -9.01 2.52 14.26
N GLY A 71 -9.21 1.59 13.32
CA GLY A 71 -9.96 1.86 12.10
C GLY A 71 -11.28 1.12 12.11
N ARG A 72 -12.35 1.84 11.80
CA ARG A 72 -13.70 1.26 11.77
C ARG A 72 -14.43 1.64 10.49
N LEU A 73 -15.37 0.79 10.10
CA LEU A 73 -16.32 1.11 9.05
C LEU A 73 -17.48 1.93 9.64
N THR A 74 -18.35 2.42 8.77
CA THR A 74 -19.40 3.30 9.27
C THR A 74 -20.49 2.56 10.02
N ASP A 75 -20.51 1.23 9.99
CA ASP A 75 -21.39 0.47 10.88
C ASP A 75 -20.76 0.24 12.26
N GLY A 76 -19.60 0.84 12.52
CA GLY A 76 -18.93 0.70 13.79
C GLY A 76 -17.96 -0.46 13.88
N SER A 77 -17.95 -1.36 12.90
CA SER A 77 -17.11 -2.55 12.99
C SER A 77 -15.64 -2.18 12.79
N LYS A 78 -14.80 -2.77 13.64
CA LYS A 78 -13.37 -2.49 13.60
C LYS A 78 -12.71 -3.37 12.54
N PHE A 79 -11.88 -2.75 11.69
CA PHE A 79 -11.12 -3.54 10.73
C PHE A 79 -9.64 -3.63 11.05
N ASP A 80 -9.11 -2.74 11.90
CA ASP A 80 -7.72 -2.83 12.33
C ASP A 80 -7.51 -1.94 13.53
N SER A 81 -6.45 -2.22 14.29
CA SER A 81 -6.08 -1.39 15.43
C SER A 81 -4.63 -1.64 15.78
N SER A 82 -3.81 -0.59 15.76
CA SER A 82 -2.45 -0.70 16.29
C SER A 82 -2.47 -0.83 17.81
N VAL A 83 -3.50 -0.31 18.47
CA VAL A 83 -3.60 -0.43 19.92
C VAL A 83 -3.76 -1.89 20.32
N ASP A 84 -4.57 -2.63 19.56
CA ASP A 84 -4.88 -4.01 19.92
C ASP A 84 -3.66 -4.91 19.84
N ARG A 85 -2.69 -4.59 18.99
CA ARG A 85 -1.45 -5.35 18.92
C ARG A 85 -0.31 -4.67 19.66
N ASN A 86 -0.59 -3.58 20.37
CA ASN A 86 0.42 -2.84 21.14
C ASN A 86 1.65 -2.54 20.29
N GLU A 87 1.43 -2.12 19.05
CA GLU A 87 2.50 -1.78 18.12
C GLU A 87 2.21 -0.43 17.48
N PRO A 88 2.75 0.65 18.03
CA PRO A 88 2.56 1.96 17.39
C PRO A 88 2.99 1.93 15.93
N PHE A 89 2.23 2.63 15.10
CA PHE A 89 2.45 2.68 13.67
C PHE A 89 3.34 3.86 13.32
N GLN A 90 4.31 3.64 12.44
CA GLN A 90 5.21 4.71 12.04
C GLN A 90 5.24 4.82 10.53
N THR A 91 5.23 6.06 10.04
CA THR A 91 5.35 6.30 8.60
C THR A 91 5.89 7.70 8.36
N GLN A 92 6.45 7.89 7.18
CA GLN A 92 6.73 9.23 6.69
C GLN A 92 5.43 9.82 6.14
N ILE A 93 5.10 11.03 6.57
CA ILE A 93 3.80 11.61 6.24
C ILE A 93 3.98 12.58 5.07
N GLY A 94 2.91 12.76 4.29
CA GLY A 94 2.92 13.72 3.21
C GLY A 94 3.66 13.29 1.97
N THR A 95 4.03 12.02 1.84
CA THR A 95 4.82 11.56 0.70
C THR A 95 4.12 10.46 -0.09
N GLY A 96 2.84 10.20 0.19
CA GLY A 96 2.10 9.20 -0.56
C GLY A 96 2.27 7.77 -0.09
N ARG A 97 2.78 7.56 1.12
CA ARG A 97 2.97 6.22 1.63
C ARG A 97 1.72 5.67 2.32
N VAL A 98 0.79 6.54 2.65
CA VAL A 98 -0.45 6.15 3.30
C VAL A 98 -1.59 6.75 2.49
N ILE A 99 -2.82 6.33 2.81
CA ILE A 99 -3.97 6.84 2.08
C ILE A 99 -4.07 8.36 2.23
N LYS A 100 -4.69 8.99 1.23
CA LYS A 100 -4.68 10.44 1.13
C LYS A 100 -5.30 11.10 2.36
N GLY A 101 -6.33 10.49 2.93
CA GLY A 101 -6.96 11.08 4.11
C GLY A 101 -5.99 11.21 5.28
N TRP A 102 -5.05 10.27 5.40
CA TRP A 102 -4.04 10.41 6.44
C TRP A 102 -2.98 11.44 6.06
N ASP A 103 -2.51 11.42 4.81
CA ASP A 103 -1.50 12.39 4.37
C ASP A 103 -2.00 13.82 4.50
N GLU A 104 -3.30 14.06 4.32
CA GLU A 104 -3.85 15.40 4.47
C GLU A 104 -4.29 15.70 5.90
N GLY A 105 -4.77 14.70 6.63
CA GLY A 105 -5.34 14.94 7.94
C GLY A 105 -4.32 15.00 9.07
N VAL A 106 -3.31 14.13 9.02
CA VAL A 106 -2.34 14.07 10.11
C VAL A 106 -1.56 15.37 10.27
N PRO A 107 -1.15 16.08 9.22
CA PRO A 107 -0.47 17.37 9.42
C PRO A 107 -1.33 18.43 10.08
N GLN A 108 -2.63 18.19 10.23
CA GLN A 108 -3.49 19.12 10.94
C GLN A 108 -3.58 18.81 12.43
N MET A 109 -2.83 17.81 12.90
CA MET A 109 -2.79 17.42 14.30
C MET A 109 -1.50 17.92 14.94
N SER A 110 -1.57 18.31 16.21
CA SER A 110 -0.34 18.62 16.92
C SER A 110 0.05 17.45 17.82
N LEU A 111 1.32 17.46 18.25
CA LEU A 111 1.88 16.37 19.05
C LEU A 111 1.03 16.09 20.28
N GLY A 112 0.57 14.83 20.42
CA GLY A 112 -0.23 14.42 21.55
C GLY A 112 -1.73 14.47 21.31
N GLU A 113 -2.15 15.03 20.18
CA GLU A 113 -3.58 15.14 19.87
C GLU A 113 -4.21 13.78 19.65
N LYS A 114 -5.45 13.64 20.13
CA LYS A 114 -6.32 12.54 19.73
C LYS A 114 -7.41 13.12 18.85
N ALA A 115 -7.64 12.49 17.71
CA ALA A 115 -8.63 13.01 16.77
C ALA A 115 -9.35 11.85 16.10
N VAL A 116 -10.44 12.17 15.39
CA VAL A 116 -11.14 11.20 14.56
C VAL A 116 -11.06 11.66 13.12
N LEU A 117 -10.57 10.79 12.24
CA LEU A 117 -10.49 11.05 10.82
C LEU A 117 -11.59 10.27 10.13
N THR A 118 -12.45 10.97 9.40
CA THR A 118 -13.50 10.34 8.61
C THR A 118 -13.13 10.55 7.15
N ILE A 119 -12.98 9.45 6.41
CA ILE A 119 -12.32 9.48 5.10
C ILE A 119 -13.25 8.82 4.10
N THR A 120 -13.71 9.58 3.09
CA THR A 120 -14.55 8.98 2.06
C THR A 120 -13.70 8.16 1.09
N PRO A 121 -14.32 7.27 0.29
CA PRO A 121 -13.51 6.36 -0.56
C PRO A 121 -12.48 7.05 -1.44
N ASP A 122 -12.82 8.23 -1.96
CA ASP A 122 -11.90 8.97 -2.83
C ASP A 122 -10.59 9.31 -2.12
N TYR A 123 -10.62 9.42 -0.79
CA TYR A 123 -9.42 9.71 0.00
C TYR A 123 -8.90 8.47 0.72
N GLY A 124 -9.51 7.31 0.45
CA GLY A 124 -9.17 6.08 1.11
C GLY A 124 -8.81 5.03 0.08
N TYR A 125 -9.58 3.95 0.00
CA TYR A 125 -9.26 2.84 -0.89
C TYR A 125 -10.22 2.73 -2.07
N GLY A 126 -11.06 3.74 -2.28
CA GLY A 126 -11.76 3.88 -3.55
C GLY A 126 -12.72 2.75 -3.83
N ALA A 127 -12.83 2.42 -5.12
CA ALA A 127 -13.82 1.44 -5.57
C ALA A 127 -13.46 0.03 -5.11
N ARG A 128 -12.17 -0.31 -5.11
CA ARG A 128 -11.79 -1.69 -4.79
C ARG A 128 -11.83 -1.97 -3.30
N GLY A 129 -11.49 -1.00 -2.47
CA GLY A 129 -11.27 -1.30 -1.07
C GLY A 129 -9.90 -1.92 -0.88
N PHE A 130 -9.72 -2.58 0.27
CA PHE A 130 -8.48 -3.30 0.54
C PHE A 130 -8.81 -4.77 0.72
N PRO A 131 -8.32 -5.66 -0.16
CA PRO A 131 -8.74 -7.06 -0.12
C PRO A 131 -8.59 -7.69 1.26
N GLY A 132 -9.66 -8.35 1.70
CA GLY A 132 -9.69 -9.02 2.98
C GLY A 132 -9.95 -8.14 4.18
N VAL A 133 -9.99 -6.81 4.01
CA VAL A 133 -10.07 -5.92 5.17
C VAL A 133 -11.17 -4.88 5.00
N ILE A 134 -11.20 -4.21 3.85
CA ILE A 134 -12.06 -3.06 3.63
C ILE A 134 -12.86 -3.24 2.35
N PRO A 135 -14.19 -3.22 2.40
CA PRO A 135 -15.00 -3.35 1.18
C PRO A 135 -14.79 -2.17 0.23
N GLY A 136 -15.10 -2.40 -1.04
CA GLY A 136 -15.14 -1.29 -1.98
C GLY A 136 -16.12 -0.22 -1.53
N ASN A 137 -15.81 1.03 -1.88
CA ASN A 137 -16.71 2.16 -1.64
C ASN A 137 -17.01 2.34 -0.15
N SER A 138 -15.97 2.20 0.69
CA SER A 138 -16.12 2.31 2.13
C SER A 138 -15.62 3.66 2.63
N THR A 139 -16.46 4.37 3.39
CA THR A 139 -15.96 5.45 4.22
C THR A 139 -15.27 4.84 5.44
N LEU A 140 -14.13 5.43 5.83
CA LEU A 140 -13.33 4.94 6.94
C LEU A 140 -13.35 5.93 8.09
N ILE A 141 -13.38 5.40 9.31
CA ILE A 141 -13.33 6.21 10.53
C ILE A 141 -12.12 5.73 11.32
N PHE A 142 -11.12 6.60 11.46
CA PHE A 142 -9.91 6.30 12.23
C PHE A 142 -9.87 7.14 13.49
N GLU A 143 -9.81 6.48 14.63
CA GLU A 143 -9.38 7.12 15.88
C GLU A 143 -7.86 7.16 15.83
N VAL A 144 -7.27 8.35 15.91
N VAL A 144 -7.29 8.36 15.95
CA VAL A 144 -5.82 8.49 15.78
CA VAL A 144 -5.86 8.56 15.77
C VAL A 144 -5.29 9.31 16.94
C VAL A 144 -5.29 9.34 16.96
N GLU A 145 -4.13 8.90 17.46
CA GLU A 145 -3.41 9.62 18.50
C GLU A 145 -2.00 9.86 17.98
N LEU A 146 -1.60 11.13 17.88
CA LEU A 146 -0.27 11.48 17.37
C LEU A 146 0.73 11.41 18.53
N LEU A 147 1.49 10.33 18.59
CA LEU A 147 2.41 10.08 19.70
C LEU A 147 3.80 10.63 19.45
N GLY A 148 4.17 10.84 18.19
CA GLY A 148 5.52 11.25 17.87
C GLY A 148 5.61 11.96 16.55
N ILE A 149 6.50 12.95 16.47
CA ILE A 149 6.89 13.63 15.24
C ILE A 149 8.40 13.63 15.23
N ASN A 150 9.00 12.84 14.33
CA ASN A 150 10.44 12.61 14.35
C ASN A 150 10.81 12.15 15.76
N ASN A 151 11.74 12.84 16.42
N ASN A 151 11.75 12.83 16.43
CA ASN A 151 12.15 12.46 17.77
CA ASN A 151 12.14 12.43 17.77
C ASN A 151 11.27 13.04 18.86
C ASN A 151 11.33 13.11 18.87
N LYS A 152 10.34 13.92 18.53
CA LYS A 152 9.48 14.50 19.55
C LYS A 152 8.45 13.47 20.00
N ARG A 153 8.24 13.38 21.31
CA ARG A 153 7.33 12.41 21.90
C ARG A 153 6.28 13.10 22.78
N ALA A 154 5.02 12.70 22.61
CA ALA A 154 3.94 13.17 23.46
C ALA A 154 4.06 12.62 24.87
N GLY B 41 25.80 -12.97 1.21
CA GLY B 41 25.36 -13.81 0.11
C GLY B 41 24.80 -13.00 -1.04
N SER B 42 24.09 -13.67 -1.95
CA SER B 42 23.57 -13.02 -3.12
C SER B 42 22.06 -12.85 -3.03
N SER B 43 21.56 -11.86 -3.76
CA SER B 43 20.13 -11.58 -3.84
C SER B 43 19.86 -11.04 -5.23
N GLY B 44 18.58 -10.89 -5.56
CA GLY B 44 18.22 -10.22 -6.80
C GLY B 44 16.89 -10.68 -7.35
N VAL B 45 16.74 -10.45 -8.65
CA VAL B 45 15.50 -10.69 -9.39
C VAL B 45 15.88 -11.46 -10.63
N THR B 46 15.30 -12.64 -10.82
CA THR B 46 15.59 -13.49 -11.97
C THR B 46 14.31 -13.77 -12.72
N LYS B 47 14.36 -13.68 -14.05
CA LYS B 47 13.23 -14.03 -14.91
C LYS B 47 13.60 -15.22 -15.78
N GLU B 48 12.80 -16.28 -15.71
CA GLU B 48 12.99 -17.46 -16.54
C GLU B 48 11.83 -17.57 -17.52
N LEU B 49 12.14 -17.66 -18.80
CA LEU B 49 11.11 -17.70 -19.83
C LEU B 49 10.42 -19.06 -19.84
N LYS B 50 9.08 -19.03 -19.93
CA LYS B 50 8.26 -20.23 -20.09
C LYS B 50 7.62 -20.34 -21.47
N SER B 51 7.15 -19.22 -22.03
CA SER B 51 6.60 -19.17 -23.37
C SER B 51 6.90 -17.79 -23.92
N PRO B 52 7.46 -17.68 -25.11
CA PRO B 52 7.85 -16.36 -25.62
C PRO B 52 6.65 -15.50 -25.97
N GLY B 53 6.82 -14.18 -25.81
CA GLY B 53 5.89 -13.20 -26.33
C GLY B 53 6.20 -12.88 -27.77
N ASN B 54 5.65 -11.77 -28.26
CA ASN B 54 5.94 -11.44 -29.66
C ASN B 54 7.35 -10.91 -29.86
N GLY B 55 8.10 -10.67 -28.79
CA GLY B 55 9.48 -10.25 -28.92
C GLY B 55 9.69 -8.86 -29.44
N VAL B 56 8.61 -8.07 -29.56
CA VAL B 56 8.67 -6.74 -30.16
C VAL B 56 8.17 -5.67 -29.20
N ASP B 57 7.07 -5.92 -28.51
CA ASP B 57 6.44 -4.92 -27.66
C ASP B 57 6.83 -5.18 -26.20
N PHE B 58 7.52 -4.21 -25.60
CA PHE B 58 7.96 -4.30 -24.22
C PHE B 58 7.41 -3.13 -23.43
N PRO B 59 6.98 -3.34 -22.18
CA PRO B 59 6.49 -2.22 -21.38
C PRO B 59 7.60 -1.24 -21.04
N LYS B 60 7.33 0.05 -21.22
CA LYS B 60 8.23 1.07 -20.73
C LYS B 60 7.74 1.54 -19.36
N LYS B 61 8.65 2.11 -18.58
CA LYS B 61 8.25 2.71 -17.33
C LYS B 61 7.16 3.74 -17.57
N GLY B 62 6.07 3.65 -16.80
CA GLY B 62 4.91 4.50 -16.98
C GLY B 62 3.80 3.88 -17.80
N ASP B 63 4.10 2.82 -18.55
CA ASP B 63 3.05 2.11 -19.27
C ASP B 63 2.12 1.39 -18.32
N PHE B 64 0.87 1.24 -18.74
CA PHE B 64 -0.03 0.33 -18.04
C PHE B 64 0.18 -1.07 -18.59
N VAL B 65 0.10 -2.06 -17.69
CA VAL B 65 0.21 -3.46 -18.08
C VAL B 65 -0.98 -4.22 -17.54
N THR B 66 -1.34 -5.29 -18.25
CA THR B 66 -2.39 -6.22 -17.86
C THR B 66 -1.75 -7.59 -17.76
N ILE B 67 -1.87 -8.24 -16.61
CA ILE B 67 -1.04 -9.40 -16.27
C ILE B 67 -1.88 -10.44 -15.57
N HIS B 68 -1.62 -11.72 -15.87
CA HIS B 68 -2.11 -12.81 -15.04
C HIS B 68 -0.93 -13.37 -14.25
N TYR B 69 -1.14 -13.62 -12.96
CA TYR B 69 -0.04 -14.07 -12.11
C TYR B 69 -0.52 -15.11 -11.12
N THR B 70 0.42 -15.94 -10.68
CA THR B 70 0.28 -16.77 -9.48
C THR B 70 1.54 -16.56 -8.65
N GLY B 71 1.38 -16.28 -7.37
CA GLY B 71 2.51 -16.10 -6.46
C GLY B 71 2.62 -17.25 -5.48
N ARG B 72 3.86 -17.75 -5.33
CA ARG B 72 4.15 -18.85 -4.43
CA ARG B 72 4.16 -18.86 -4.44
C ARG B 72 5.37 -18.53 -3.58
N LEU B 73 5.41 -19.15 -2.40
CA LEU B 73 6.60 -19.12 -1.55
C LEU B 73 7.55 -20.23 -2.00
N THR B 74 8.77 -20.20 -1.45
CA THR B 74 9.75 -21.19 -1.85
C THR B 74 9.41 -22.59 -1.35
N ASP B 75 8.48 -22.71 -0.40
CA ASP B 75 8.01 -24.04 -0.01
C ASP B 75 6.92 -24.55 -0.93
N GLY B 76 6.60 -23.82 -2.00
CA GLY B 76 5.63 -24.23 -2.97
C GLY B 76 4.22 -23.79 -2.71
N SER B 77 3.92 -23.24 -1.54
CA SER B 77 2.56 -22.85 -1.23
C SER B 77 2.16 -21.61 -2.03
N LYS B 78 0.93 -21.64 -2.55
CA LYS B 78 0.41 -20.50 -3.29
C LYS B 78 -0.16 -19.47 -2.31
N PHE B 79 0.24 -18.21 -2.46
CA PHE B 79 -0.37 -17.17 -1.62
C PHE B 79 -1.38 -16.29 -2.35
N ASP B 80 -1.39 -16.29 -3.69
CA ASP B 80 -2.35 -15.49 -4.44
C ASP B 80 -2.29 -15.90 -5.90
N SER B 81 -3.38 -15.63 -6.61
CA SER B 81 -3.42 -15.91 -8.04
C SER B 81 -4.56 -15.12 -8.67
N SER B 82 -4.23 -14.26 -9.63
CA SER B 82 -5.28 -13.63 -10.43
C SER B 82 -5.97 -14.66 -11.31
N VAL B 83 -5.26 -15.72 -11.69
CA VAL B 83 -5.84 -16.74 -12.56
C VAL B 83 -7.01 -17.43 -11.84
N ASP B 84 -6.85 -17.71 -10.54
CA ASP B 84 -7.90 -18.41 -9.81
C ASP B 84 -9.17 -17.56 -9.71
N ARG B 85 -9.03 -16.24 -9.66
CA ARG B 85 -10.17 -15.33 -9.71
C ARG B 85 -10.64 -15.05 -11.12
N ASN B 86 -9.86 -15.47 -12.12
CA ASN B 86 -10.08 -15.13 -13.52
C ASN B 86 -10.23 -13.63 -13.74
N GLU B 87 -9.40 -12.85 -13.05
N GLU B 87 -9.44 -12.85 -13.02
CA GLU B 87 -9.44 -11.40 -13.15
CA GLU B 87 -9.46 -11.39 -13.17
C GLU B 87 -8.06 -10.87 -13.49
C GLU B 87 -8.05 -10.89 -13.49
N PRO B 88 -7.82 -10.41 -14.71
CA PRO B 88 -6.50 -9.83 -15.03
C PRO B 88 -6.17 -8.67 -14.10
N PHE B 89 -4.90 -8.62 -13.71
CA PHE B 89 -4.40 -7.57 -12.83
C PHE B 89 -3.84 -6.44 -13.70
N GLN B 90 -4.19 -5.20 -13.37
CA GLN B 90 -3.69 -4.06 -14.12
C GLN B 90 -2.98 -3.09 -13.18
N THR B 91 -1.85 -2.57 -13.64
CA THR B 91 -1.12 -1.56 -12.88
C THR B 91 -0.35 -0.69 -13.87
N GLN B 92 0.12 0.45 -13.37
CA GLN B 92 1.12 1.23 -14.09
C GLN B 92 2.49 0.74 -13.64
N ILE B 93 3.33 0.33 -14.58
CA ILE B 93 4.58 -0.32 -14.21
C ILE B 93 5.69 0.71 -14.14
N GLY B 94 6.70 0.42 -13.32
CA GLY B 94 7.87 1.27 -13.22
C GLY B 94 7.68 2.55 -12.45
N THR B 95 6.59 2.69 -11.70
CA THR B 95 6.34 3.91 -10.95
C THR B 95 6.27 3.67 -9.44
N GLY B 96 6.70 2.50 -8.96
CA GLY B 96 6.69 2.22 -7.55
C GLY B 96 5.37 1.77 -6.98
N ARG B 97 4.41 1.41 -7.84
CA ARG B 97 3.11 0.97 -7.34
C ARG B 97 3.13 -0.50 -6.92
N VAL B 98 4.08 -1.27 -7.43
CA VAL B 98 4.23 -2.67 -7.08
C VAL B 98 5.64 -2.88 -6.54
N ILE B 99 5.88 -4.09 -6.00
CA ILE B 99 7.19 -4.39 -5.45
C ILE B 99 8.28 -4.21 -6.52
N LYS B 100 9.49 -3.90 -6.05
CA LYS B 100 10.59 -3.56 -6.95
C LYS B 100 10.81 -4.65 -8.00
N GLY B 101 10.71 -5.93 -7.61
CA GLY B 101 11.00 -7.01 -8.54
C GLY B 101 10.07 -7.04 -9.74
N TRP B 102 8.82 -6.64 -9.55
CA TRP B 102 7.88 -6.49 -10.68
C TRP B 102 8.22 -5.26 -11.51
N ASP B 103 8.47 -4.12 -10.85
CA ASP B 103 8.83 -2.92 -11.61
C ASP B 103 10.08 -3.14 -12.46
N GLU B 104 10.98 -4.02 -12.02
CA GLU B 104 12.21 -4.30 -12.76
C GLU B 104 12.03 -5.42 -13.77
N GLY B 105 11.27 -6.44 -13.42
CA GLY B 105 11.16 -7.62 -14.26
C GLY B 105 10.17 -7.51 -15.40
N VAL B 106 9.03 -6.87 -15.15
CA VAL B 106 7.97 -6.80 -16.17
C VAL B 106 8.42 -6.04 -17.40
N PRO B 107 9.16 -4.91 -17.31
CA PRO B 107 9.63 -4.23 -18.52
C PRO B 107 10.53 -5.08 -19.40
N GLN B 108 11.05 -6.20 -18.90
CA GLN B 108 11.87 -7.09 -19.73
C GLN B 108 11.05 -8.18 -20.43
N MET B 109 9.73 -8.19 -20.23
CA MET B 109 8.84 -9.14 -20.88
C MET B 109 8.26 -8.52 -22.15
N SER B 110 8.09 -9.34 -23.18
CA SER B 110 7.37 -8.88 -24.36
C SER B 110 5.91 -9.33 -24.30
N LEU B 111 5.07 -8.65 -25.08
CA LEU B 111 3.62 -8.89 -25.07
C LEU B 111 3.30 -10.36 -25.34
N GLY B 112 2.56 -10.98 -24.41
CA GLY B 112 2.15 -12.37 -24.53
C GLY B 112 3.05 -13.35 -23.82
N GLU B 113 4.18 -12.88 -23.30
CA GLU B 113 5.17 -13.75 -22.69
C GLU B 113 4.64 -14.37 -21.39
N LYS B 114 5.00 -15.63 -21.17
CA LYS B 114 4.86 -16.29 -19.87
C LYS B 114 6.26 -16.49 -19.28
N ALA B 115 6.43 -16.12 -18.02
CA ALA B 115 7.74 -16.22 -17.39
C ALA B 115 7.56 -16.54 -15.92
N VAL B 116 8.65 -16.93 -15.28
CA VAL B 116 8.69 -17.06 -13.83
C VAL B 116 9.66 -16.02 -13.28
N LEU B 117 9.18 -15.21 -12.35
CA LEU B 117 9.97 -14.17 -11.71
C LEU B 117 10.28 -14.60 -10.28
N THR B 118 11.57 -14.71 -9.96
CA THR B 118 11.99 -15.04 -8.61
C THR B 118 12.59 -13.78 -7.99
N ILE B 119 12.10 -13.43 -6.80
CA ILE B 119 12.35 -12.12 -6.19
C ILE B 119 12.76 -12.34 -4.75
N THR B 120 14.02 -12.02 -4.42
CA THR B 120 14.44 -12.15 -3.04
C THR B 120 13.81 -11.01 -2.22
N PRO B 121 13.74 -11.17 -0.89
CA PRO B 121 12.91 -10.22 -0.11
C PRO B 121 13.34 -8.76 -0.21
N ASP B 122 14.63 -8.50 -0.46
N ASP B 122 14.63 -8.49 -0.45
CA ASP B 122 15.08 -7.10 -0.59
CA ASP B 122 15.05 -7.10 -0.59
C ASP B 122 14.52 -6.43 -1.84
C ASP B 122 14.41 -6.42 -1.79
N TYR B 123 13.94 -7.20 -2.76
CA TYR B 123 13.21 -6.66 -3.90
C TYR B 123 11.73 -6.96 -3.79
N GLY B 124 11.27 -7.44 -2.64
CA GLY B 124 9.88 -7.78 -2.40
C GLY B 124 9.34 -7.05 -1.19
N TYR B 125 8.95 -7.80 -0.15
CA TYR B 125 8.36 -7.22 1.04
C TYR B 125 9.34 -7.17 2.21
N GLY B 126 10.61 -7.52 2.00
CA GLY B 126 11.65 -7.29 3.00
C GLY B 126 11.40 -8.03 4.31
N ALA B 127 11.97 -7.47 5.39
CA ALA B 127 11.83 -8.11 6.70
C ALA B 127 10.41 -8.02 7.24
N ARG B 128 9.65 -7.00 6.82
CA ARG B 128 8.29 -6.83 7.32
C ARG B 128 7.37 -7.91 6.78
N GLY B 129 7.55 -8.31 5.52
CA GLY B 129 6.58 -9.19 4.88
C GLY B 129 5.30 -8.43 4.57
N PHE B 130 4.24 -9.19 4.33
CA PHE B 130 2.92 -8.61 4.11
C PHE B 130 1.96 -9.21 5.12
N PRO B 131 1.35 -8.41 5.99
CA PRO B 131 0.55 -8.96 7.10
C PRO B 131 -0.48 -9.97 6.63
N GLY B 132 -0.48 -11.14 7.27
CA GLY B 132 -1.42 -12.19 6.98
C GLY B 132 -1.19 -12.95 5.69
N VAL B 133 -0.16 -12.63 4.91
CA VAL B 133 0.02 -13.27 3.61
C VAL B 133 1.45 -13.74 3.36
N ILE B 134 2.43 -12.86 3.59
CA ILE B 134 3.81 -13.14 3.22
CA ILE B 134 3.81 -13.11 3.21
C ILE B 134 4.69 -13.00 4.45
N PRO B 135 5.36 -14.06 4.90
CA PRO B 135 6.25 -13.94 6.05
C PRO B 135 7.39 -12.96 5.78
N GLY B 136 7.93 -12.40 6.86
CA GLY B 136 9.14 -11.60 6.73
C GLY B 136 10.26 -12.38 6.05
N ASN B 137 11.07 -11.68 5.26
CA ASN B 137 12.25 -12.23 4.60
C ASN B 137 11.93 -13.44 3.71
N SER B 138 10.87 -13.29 2.90
CA SER B 138 10.42 -14.34 1.99
C SER B 138 10.88 -14.08 0.56
N THR B 139 11.49 -15.08 -0.07
CA THR B 139 11.67 -15.04 -1.51
C THR B 139 10.35 -15.40 -2.18
N LEU B 140 10.01 -14.65 -3.24
CA LEU B 140 8.73 -14.80 -3.93
C LEU B 140 8.97 -15.38 -5.31
N ILE B 141 8.08 -16.28 -5.73
CA ILE B 141 8.14 -16.91 -7.05
C ILE B 141 6.81 -16.64 -7.74
N PHE B 142 6.82 -15.74 -8.74
CA PHE B 142 5.61 -15.38 -9.47
C PHE B 142 5.63 -16.01 -10.86
N GLU B 143 4.57 -16.74 -11.20
CA GLU B 143 4.29 -17.01 -12.60
C GLU B 143 3.59 -15.78 -13.16
N VAL B 144 4.11 -15.23 -14.25
CA VAL B 144 3.64 -13.96 -14.80
CA VAL B 144 3.61 -13.98 -14.79
C VAL B 144 3.34 -14.15 -16.28
N GLU B 145 2.17 -13.70 -16.72
CA GLU B 145 1.83 -13.68 -18.13
C GLU B 145 1.48 -12.24 -18.49
N LEU B 146 2.19 -11.68 -19.46
CA LEU B 146 1.94 -10.30 -19.89
C LEU B 146 0.83 -10.33 -20.93
N LEU B 147 -0.38 -9.99 -20.49
CA LEU B 147 -1.57 -10.11 -21.34
C LEU B 147 -1.78 -8.88 -22.21
N GLY B 148 -1.26 -7.73 -21.80
CA GLY B 148 -1.53 -6.49 -22.50
C GLY B 148 -0.57 -5.41 -22.08
N ILE B 149 -0.27 -4.50 -23.01
CA ILE B 149 0.50 -3.30 -22.72
C ILE B 149 -0.34 -2.12 -23.21
N ASN B 150 -0.79 -1.28 -22.27
CA ASN B 150 -1.82 -0.29 -22.55
C ASN B 150 -2.97 -0.99 -23.26
N ASN B 151 -3.34 -0.57 -24.47
CA ASN B 151 -4.41 -1.22 -25.20
C ASN B 151 -3.93 -2.28 -26.18
N LYS B 152 -2.65 -2.58 -26.20
CA LYS B 152 -2.12 -3.60 -27.11
C LYS B 152 -2.42 -5.00 -26.59
N ARG B 153 -2.89 -5.88 -27.49
CA ARG B 153 -3.11 -7.29 -27.20
C ARG B 153 -2.40 -8.13 -28.26
N ALA B 154 -2.15 -9.38 -27.92
CA ALA B 154 -1.29 -10.26 -28.73
C ALA B 154 -1.92 -10.69 -30.07
C16 KXX C . -5.20 0.00 7.95
C18 KXX C . -5.04 1.23 7.02
C14 KXX C . -4.74 -1.43 7.50
C10 KXX C . -2.73 -2.75 7.77
C13 KXX C . -4.73 -1.61 5.99
C12 KXX C . -3.94 -2.81 5.59
C11 KXX C . -2.58 -2.87 6.26
C01 KXX C . 3.51 -4.11 2.71
C02 KXX C . 2.99 -4.17 4.15
C03 KXX C . 2.91 -2.79 4.85
C04 KXX C . 2.25 -2.94 6.25
C05 KXX C . 2.66 -2.24 7.30
C06 KXX C . 1.96 -2.44 8.67
C07 KXX C . 0.86 -1.38 8.89
C08 KXX C . -0.36 -1.65 7.97
C09 KXX C . -1.38 -2.64 8.58
C21 KXX C . -2.72 1.76 8.14
C22 KXX C . -2.32 3.02 8.91
C23 KXX C . -2.15 4.21 8.07
C24 KXX C . -3.26 4.50 7.16
C25 KXX C . -3.65 3.30 6.30
C26 KXX C . -2.60 3.07 5.22
C29 KXX C . -0.87 1.76 4.20
C30 KXX C . 0.31 0.88 4.72
C31 KXX C . 1.39 0.72 3.62
C32 KXX C . 2.52 -0.29 4.02
C33 KXX C . 2.04 -1.77 4.07
C36 KXX C . 0.87 1.49 6.00
C37 KXX C . -1.49 1.17 2.88
C38 KXX C . -1.35 1.90 1.74
C39 KXX C . -1.92 1.43 0.34
C40 KXX C . -0.75 0.89 -0.49
C41 KXX C . -1.20 0.60 -1.94
C42 KXX C . -1.95 1.77 -2.59
C43 KXX C . -3.10 2.27 -1.73
C44 KXX C . -2.63 2.61 -0.31
C46 KXX C . -5.03 3.51 -2.09
C48 KXX C . -2.18 -0.20 2.92
C50 KXX C . -6.16 -1.73 5.46
C52 KXX C . -1.36 -4.17 4.73
C54 KXX C . -1.57 -4.69 9.60
C55 KXX C . 0.49 -1.29 10.37
C56 KXX C . 3.84 -1.22 7.22
N20 KXX C . -3.84 2.05 7.14
O15 KXX C . -3.38 -1.49 8.07
O17 KXX C . -5.66 0.16 9.02
O19 KXX C . -5.88 1.50 6.24
O27 KXX C . -2.38 3.95 4.44
O28 KXX C . -1.90 1.82 5.20
O34 KXX C . 1.04 -2.13 3.54
O35 KXX C . 2.04 1.95 3.40
O45 KXX C . -3.67 3.39 -2.34
O47 KXX C . -2.48 1.33 -3.81
O49 KXX C . -5.54 -2.36 8.13
O51 KXX C . -1.96 -4.09 5.98
O53 KXX C . -0.82 -3.91 8.73
S SO4 D . -10.01 2.43 -7.49
O1 SO4 D . -10.27 1.13 -6.88
O2 SO4 D . -10.87 3.46 -6.89
O3 SO4 D . -10.30 2.34 -8.92
O4 SO4 D . -8.61 2.78 -7.31
O1 PG4 E . -13.54 -7.26 2.95
C1 PG4 E . -13.15 -6.94 1.62
C2 PG4 E . -13.30 -8.12 0.72
O2 PG4 E . -12.08 -8.84 0.63
C3 PG4 E . -12.27 -10.21 0.32
C4 PG4 E . -11.00 -10.86 -0.13
O3 PG4 E . -10.70 -10.51 -1.48
C5 PG4 E . -9.49 -11.09 -1.95
C6 PG4 E . -9.42 -10.98 -3.43
O4 PG4 E . -9.25 -9.63 -3.82
C7 PG4 E . -9.04 -9.49 -5.22
C8 PG4 E . -8.60 -8.10 -5.56
O5 PG4 E . -9.51 -7.12 -5.07
O1 P6G F . -0.80 23.39 7.71
C2 P6G F . -1.55 23.18 8.90
C3 P6G F . -0.72 23.56 10.08
O4 P6G F . -1.56 23.85 11.19
C5 P6G F . -1.09 24.94 11.97
C6 P6G F . -1.41 26.24 11.31
O7 P6G F . -2.26 27.03 12.14
C8 P6G F . -3.52 27.31 11.54
C9 P6G F . -3.54 28.72 11.03
O10 P6G F . -4.38 29.52 11.86
C11 P6G F . -5.20 30.42 11.12
C12 P6G F . -6.62 30.28 11.54
O13 P6G F . -7.47 30.19 10.40
C14 P6G F . -8.04 28.89 10.24
C15 P6G F . -9.44 28.99 9.70
O16 P6G F . -10.08 27.72 9.70
C17 P6G F . -9.96 27.06 8.45
C18 P6G F . -9.86 25.58 8.66
O19 P6G F . -8.52 25.12 8.52
O2 PG4 G . -12.32 16.38 25.73
C3 PG4 G . -11.75 17.19 26.76
C4 PG4 G . -10.78 18.16 26.16
O3 PG4 G . -10.28 19.04 27.15
C5 PG4 G . -8.87 18.95 27.33
C6 PG4 G . -8.54 18.23 28.59
O4 PG4 G . -7.19 17.81 28.57
C ACT H . -14.82 15.56 22.23
O ACT H . -13.94 16.25 22.80
OXT ACT H . -15.22 15.61 21.02
CH3 ACT H . -15.56 14.48 23.11
OH2 1PE I . -6.54 -8.07 10.83
C12 1PE I . -5.98 -6.77 10.89
C22 1PE I . -6.00 -6.10 9.55
OH3 1PE I . -4.85 -6.48 8.81
C13 1PE I . -4.26 -7.27 6.64
C23 1PE I . -5.12 -7.48 7.85
OH4 1PE I . -3.89 -8.51 6.05
C14 1PE I . -4.87 -10.08 4.53
C24 1PE I . -4.97 -9.41 5.86
OH5 1PE I . -5.54 -9.31 3.54
C15 1PE I . -5.20 -10.46 1.47
C25 1PE I . -4.86 -9.26 2.30
OH6 1PE I . -4.46 -10.43 0.25
C16 1PE I . -5.33 -12.29 -0.97
C26 1PE I . -4.15 -11.72 -0.25
OH7 1PE I . -5.11 -13.62 -1.40
C16 KXX J . 0.42 -10.43 -4.33
C18 KXX J . 1.63 -9.49 -4.58
C14 KXX J . -0.66 -10.01 -3.27
C10 KXX J . -2.82 -8.91 -3.38
C13 KXX J . -0.18 -9.05 -2.18
C12 KXX J . -1.31 -8.38 -1.46
C11 KXX J . -2.40 -7.85 -2.36
C01 KXX J . -5.12 -1.07 -1.89
C02 KXX J . -5.38 -2.52 -2.36
C03 KXX J . -4.66 -2.83 -3.70
C04 KXX J . -5.05 -4.24 -4.22
C05 KXX J . -5.21 -4.52 -5.52
C06 KXX J . -5.59 -5.96 -5.94
C07 KXX J . -4.34 -6.73 -6.41
C08 KXX J . -3.41 -7.12 -5.21
C09 KXX J . -3.83 -8.43 -4.48
C21 KXX J . 0.25 -8.30 -6.53
C22 KXX J . 0.66 -8.34 -7.99
C23 KXX J . 1.74 -7.38 -8.30
C24 KXX J . 2.94 -7.57 -7.49
C25 KXX J . 2.66 -7.58 -5.99
C26 KXX J . 2.40 -6.13 -5.52
C29 KXX J . 0.94 -4.39 -4.79
C30 KXX J . -0.57 -4.03 -5.00
C31 KXX J . -0.79 -2.53 -4.68
C32 KXX J . -2.30 -2.11 -4.67
C33 KXX J . -3.13 -2.76 -3.52
C36 KXX J . -1.04 -4.39 -6.41
C37 KXX J . 1.36 -4.13 -3.30
C38 KXX J . 2.32 -3.17 -3.07
C39 KXX J . 2.84 -2.79 -1.63
C40 KXX J . 2.22 -1.43 -1.26
C41 KXX J . 2.82 -0.82 0.01
C42 KXX J . 4.35 -0.82 0.02
C43 KXX J . 4.93 -2.18 -0.33
C44 KXX J . 4.37 -2.77 -1.63
C46 KXX J . 7.03 -3.25 -0.27
C48 KXX J . 0.71 -4.93 -2.17
C50 KXX J . 0.72 -9.78 -1.19
C52 KXX J . -3.46 -6.24 -1.01
C54 KXX J . -5.71 -9.57 -3.78
C55 KXX J . -4.77 -7.93 -7.24
C56 KXX J . -5.03 -3.45 -6.63
N20 KXX J . 1.50 -8.49 -5.64
O15 KXX J . -1.63 -9.31 -4.13
O17 KXX J . 0.32 -11.40 -4.98
O19 KXX J . 2.62 -9.57 -3.97
O27 KXX J . 3.26 -5.32 -5.57
O28 KXX J . 1.11 -5.80 -5.03
O34 KXX J . -2.62 -3.19 -2.53
O35 KXX J . -0.19 -1.79 -5.69
O45 KXX J . 6.32 -2.06 -0.45
O47 KXX J . 4.80 -0.45 1.29
O49 KXX J . -1.23 -11.15 -2.74
O51 KXX J . -3.54 -7.49 -1.60
O53 KXX J . -5.12 -8.33 -3.93
S SO4 K . 24.11 -17.42 -2.13
O1 SO4 K . 23.70 -18.63 -2.84
O2 SO4 K . 24.85 -17.76 -0.93
O3 SO4 K . 24.97 -16.62 -3.00
O4 SO4 K . 22.91 -16.65 -1.77
O1 PG4 L . -5.04 -18.28 -1.44
C1 PG4 L . -4.20 -19.23 -2.09
C2 PG4 L . -4.42 -20.58 -1.51
O2 PG4 L . -5.09 -21.41 -2.46
C3 PG4 L . -4.82 -22.80 -2.29
C4 PG4 L . -5.86 -23.61 -2.99
O3 PG4 L . -5.60 -23.64 -4.40
C5 PG4 L . -4.63 -24.60 -4.74
C6 PG4 L . -4.77 -25.05 -6.17
O4 PG4 L . -3.64 -24.61 -6.93
C7 PG4 L . -2.68 -25.63 -7.15
C8 PG4 L . -1.35 -25.01 -7.48
O5 PG4 L . -1.27 -24.68 -8.86
#